data_8QVE
#
_entry.id   8QVE
#
_cell.length_a   84.980
_cell.length_b   123.710
_cell.length_c   99.170
_cell.angle_alpha   90.00
_cell.angle_beta   90.00
_cell.angle_gamma   90.00
#
_symmetry.space_group_name_H-M   'C 2 2 21'
#
loop_
_entity.id
_entity.type
_entity.pdbx_description
1 polymer 'Pyranose oxidase'
2 non-polymer 'FLAVIN-ADENINE DINUCLEOTIDE'
3 non-polymer 'ACETATE ION'
4 non-polymer 'CADMIUM ION'
5 water water
#
_entity_poly.entity_id   1
_entity_poly.type   'polypeptide(L)'
_entity_poly.pdbx_seq_one_letter_code
;QEIDVLIVGSGPIGATFARVLAERSPQTSVLLIDAGPQLTPRPGLHVKNIPDPAERERAQVRSQGPTQYVYGTPTPAQRA
EAGEEAHEGAPTRPGLLARPGTFLLGSPEMPAAALSTNVGGMGAHWTCACPPPGNTERIGFIPEEEWQAAFDEANRLLGV
TQQAYPETDAARAIRQALMGAFGERLSPERPVQPMPLAARTEGGERRWAGVDVVLGPLAEEGHGTGFTLHSETLCHRLTV
DGDRVTGAVLEHLPTGERYEVRARVVVVAADSLRTPQLLWASGIRPPALGHYLNDQPQVLGAVQLNPALLPENAGRAAGG
VSWVPFHSPSHPYHGQVMELEASPIPIPVTGTPVVGLGWFCAKEVRYEDHIAFSESETDYLGLPRMTVHHTLTPADEAVI
EQAKAEVELAIRALGRPLPFLLPSGSSLHYQGTVRMGEQDDGQSVCDSHSRVWGYRNLFVGGNGVIPTSTACNPTITSVA
LAVRACDGIAALLAG
;
_entity_poly.pdbx_strand_id   A
#
# COMPACT_ATOMS: atom_id res chain seq x y z
N GLN A 1 -16.98 -9.61 -26.82
CA GLN A 1 -16.74 -9.86 -25.40
C GLN A 1 -17.12 -8.66 -24.52
N GLU A 2 -18.20 -8.80 -23.76
CA GLU A 2 -18.81 -7.70 -23.02
C GLU A 2 -18.87 -8.00 -21.54
N ILE A 3 -18.93 -6.94 -20.72
CA ILE A 3 -18.95 -7.08 -19.28
C ILE A 3 -19.46 -5.77 -18.69
N ASP A 4 -20.18 -5.86 -17.56
CA ASP A 4 -20.67 -4.65 -16.90
C ASP A 4 -19.50 -3.82 -16.37
N VAL A 5 -18.66 -4.42 -15.54
CA VAL A 5 -17.56 -3.69 -14.87
C VAL A 5 -16.28 -4.48 -15.10
N LEU A 6 -15.28 -3.81 -15.65
CA LEU A 6 -13.91 -4.34 -15.75
C LEU A 6 -13.06 -3.67 -14.68
N ILE A 7 -12.36 -4.48 -13.88
CA ILE A 7 -11.45 -3.99 -12.84
C ILE A 7 -10.04 -4.45 -13.20
N VAL A 8 -9.16 -3.48 -13.44
CA VAL A 8 -7.77 -3.75 -13.78
C VAL A 8 -6.93 -3.71 -12.51
N GLY A 9 -6.53 -4.88 -12.03
CA GLY A 9 -5.61 -5.04 -10.85
C GLY A 9 -6.36 -5.71 -9.71
N SER A 10 -5.71 -6.75 -9.16
CA SER A 10 -6.32 -7.60 -8.13
C SER A 10 -5.68 -7.43 -6.75
N GLY A 11 -5.13 -6.27 -6.46
CA GLY A 11 -4.68 -5.95 -5.12
C GLY A 11 -5.86 -5.71 -4.20
N PRO A 12 -5.60 -5.30 -2.96
CA PRO A 12 -6.72 -5.12 -2.02
C PRO A 12 -7.76 -4.12 -2.52
N ILE A 13 -7.38 -3.12 -3.31
CA ILE A 13 -8.37 -2.15 -3.76
C ILE A 13 -9.20 -2.74 -4.89
N GLY A 14 -8.56 -3.38 -5.89
CA GLY A 14 -9.34 -4.03 -6.93
C GLY A 14 -10.30 -5.05 -6.36
N ALA A 15 -9.83 -5.81 -5.37
CA ALA A 15 -10.67 -6.80 -4.69
C ALA A 15 -11.84 -6.14 -3.96
N THR A 16 -11.59 -4.96 -3.35
CA THR A 16 -12.67 -4.22 -2.68
C THR A 16 -13.78 -3.85 -3.66
N PHE A 17 -13.41 -3.28 -4.81
CA PHE A 17 -14.40 -2.97 -5.83
C PHE A 17 -15.22 -4.22 -6.18
N ALA A 18 -14.56 -5.35 -6.40
CA ALA A 18 -15.28 -6.56 -6.78
C ALA A 18 -16.22 -7.01 -5.68
N ARG A 19 -15.73 -7.02 -4.43
CA ARG A 19 -16.52 -7.50 -3.31
C ARG A 19 -17.71 -6.60 -3.03
N VAL A 20 -17.50 -5.28 -3.07
CA VAL A 20 -18.59 -4.37 -2.70
C VAL A 20 -19.65 -4.34 -3.80
N LEU A 21 -19.23 -4.43 -5.05
CA LEU A 21 -20.20 -4.52 -6.14
C LEU A 21 -21.00 -5.81 -6.05
N ALA A 22 -20.39 -6.91 -5.63
CA ALA A 22 -21.13 -8.15 -5.46
C ALA A 22 -22.20 -8.02 -4.38
N GLU A 23 -21.86 -7.37 -3.27
CA GLU A 23 -22.82 -7.24 -2.16
C GLU A 23 -23.93 -6.26 -2.52
N ARG A 24 -23.57 -5.08 -3.01
CA ARG A 24 -24.52 -3.98 -3.20
C ARG A 24 -25.13 -3.93 -4.59
N SER A 25 -24.59 -4.71 -5.54
CA SER A 25 -25.06 -4.68 -6.93
C SER A 25 -24.97 -6.09 -7.50
N PRO A 26 -25.74 -7.03 -6.93
CA PRO A 26 -25.53 -8.46 -7.23
C PRO A 26 -25.72 -8.82 -8.70
N GLN A 27 -26.49 -8.05 -9.45
CA GLN A 27 -26.81 -8.42 -10.83
C GLN A 27 -25.76 -7.91 -11.81
N THR A 28 -24.74 -7.23 -11.33
CA THR A 28 -23.70 -6.64 -12.15
C THR A 28 -22.61 -7.67 -12.42
N SER A 29 -22.30 -7.90 -13.69
CA SER A 29 -21.20 -8.79 -14.03
C SER A 29 -19.86 -8.06 -13.89
N VAL A 30 -18.89 -8.75 -13.30
CA VAL A 30 -17.59 -8.16 -12.97
C VAL A 30 -16.50 -9.07 -13.51
N LEU A 31 -15.52 -8.48 -14.19
CA LEU A 31 -14.32 -9.16 -14.62
C LEU A 31 -13.14 -8.49 -13.95
N LEU A 32 -12.44 -9.23 -13.08
CA LEU A 32 -11.26 -8.74 -12.37
C LEU A 32 -10.02 -9.37 -13.02
N ILE A 33 -9.04 -8.54 -13.42
CA ILE A 33 -7.86 -9.08 -14.07
C ILE A 33 -6.61 -8.65 -13.31
N ASP A 34 -5.54 -9.42 -13.50
CA ASP A 34 -4.23 -9.07 -12.97
C ASP A 34 -3.18 -9.61 -13.92
N ALA A 35 -2.14 -8.80 -14.19
CA ALA A 35 -1.07 -9.23 -15.08
C ALA A 35 -0.23 -10.35 -14.47
N GLY A 36 -0.29 -10.55 -13.15
CA GLY A 36 0.62 -11.44 -12.48
C GLY A 36 0.01 -12.83 -12.29
N PRO A 37 0.83 -13.76 -11.81
CA PRO A 37 0.34 -15.13 -11.60
C PRO A 37 -0.46 -15.27 -10.32
N GLN A 38 -1.32 -16.27 -10.29
CA GLN A 38 -1.92 -16.71 -9.04
C GLN A 38 -0.93 -17.56 -8.25
N LEU A 39 -0.69 -17.21 -6.98
CA LEU A 39 0.41 -17.80 -6.23
C LEU A 39 0.04 -19.06 -5.48
N THR A 40 -1.24 -19.29 -5.22
CA THR A 40 -1.72 -20.38 -4.39
C THR A 40 -3.04 -20.85 -4.99
N PRO A 41 -3.45 -22.09 -4.71
CA PRO A 41 -4.75 -22.55 -5.22
C PRO A 41 -5.88 -21.58 -4.89
N ARG A 42 -5.88 -21.06 -3.68
CA ARG A 42 -6.84 -20.05 -3.28
C ARG A 42 -6.33 -18.68 -3.69
N PRO A 43 -7.04 -17.93 -4.54
CA PRO A 43 -6.46 -16.72 -5.12
C PRO A 43 -6.26 -15.62 -4.09
N GLY A 44 -5.07 -15.01 -4.08
CA GLY A 44 -4.79 -13.90 -3.20
C GLY A 44 -4.54 -14.25 -1.75
N LEU A 45 -4.52 -15.53 -1.37
CA LEU A 45 -4.09 -15.91 -0.04
C LEU A 45 -2.75 -15.26 0.31
N HIS A 46 -2.63 -14.79 1.56
CA HIS A 46 -1.43 -14.07 1.95
C HIS A 46 -0.24 -15.01 1.98
N VAL A 47 0.89 -14.60 1.40
CA VAL A 47 2.02 -15.51 1.31
C VAL A 47 2.56 -15.85 2.69
N LYS A 48 2.44 -14.93 3.67
CA LYS A 48 2.90 -15.20 5.02
C LYS A 48 2.10 -16.30 5.71
N ASN A 49 0.97 -16.70 5.17
CA ASN A 49 0.21 -17.82 5.76
C ASN A 49 0.63 -19.17 5.22
N ILE A 50 1.48 -19.21 4.19
CA ILE A 50 1.92 -20.47 3.59
C ILE A 50 2.91 -21.12 4.55
N PRO A 51 2.65 -22.33 5.05
CA PRO A 51 3.54 -22.90 6.07
C PRO A 51 4.91 -23.35 5.56
N ASP A 52 5.00 -23.94 4.38
CA ASP A 52 6.29 -24.47 3.93
C ASP A 52 7.21 -23.32 3.53
N PRO A 53 8.40 -23.21 4.10
CA PRO A 53 9.28 -22.08 3.75
C PRO A 53 9.67 -22.05 2.29
N ALA A 54 9.87 -23.21 1.66
CA ALA A 54 10.23 -23.21 0.24
C ALA A 54 9.08 -22.75 -0.65
N GLU A 55 7.86 -23.21 -0.35
CA GLU A 55 6.68 -22.77 -1.11
C GLU A 55 6.43 -21.28 -0.91
N ARG A 56 6.61 -20.81 0.32
CA ARG A 56 6.47 -19.38 0.59
C ARG A 56 7.47 -18.57 -0.22
N GLU A 57 8.74 -18.99 -0.23
CA GLU A 57 9.74 -18.22 -0.93
C GLU A 57 9.50 -18.23 -2.43
N ARG A 58 9.03 -19.36 -2.97
CA ARG A 58 8.74 -19.37 -4.39
C ARG A 58 7.56 -18.46 -4.71
N ALA A 59 6.58 -18.38 -3.82
CA ALA A 59 5.50 -17.43 -4.03
C ALA A 59 6.02 -15.99 -4.05
N GLN A 60 6.92 -15.64 -3.14
CA GLN A 60 7.51 -14.30 -3.16
C GLN A 60 8.22 -14.07 -4.47
N VAL A 61 9.08 -15.00 -4.88
CA VAL A 61 9.90 -14.78 -6.06
C VAL A 61 9.03 -14.60 -7.31
N ARG A 62 7.97 -15.40 -7.44
CA ARG A 62 7.12 -15.34 -8.62
C ARG A 62 6.39 -14.03 -8.75
N SER A 63 6.33 -13.24 -7.67
CA SER A 63 5.67 -11.94 -7.67
C SER A 63 6.59 -10.82 -8.14
N GLN A 64 7.84 -11.13 -8.47
CA GLN A 64 8.88 -10.12 -8.62
C GLN A 64 9.10 -9.69 -10.07
N GLY A 65 8.13 -9.90 -10.96
CA GLY A 65 8.13 -9.27 -12.26
C GLY A 65 9.38 -9.58 -13.07
N PRO A 66 10.14 -8.55 -13.42
CA PRO A 66 11.35 -8.75 -14.25
C PRO A 66 12.57 -9.25 -13.49
N THR A 67 12.53 -9.38 -12.16
CA THR A 67 13.68 -9.87 -11.40
C THR A 67 13.23 -10.99 -10.46
N GLN A 68 12.78 -12.12 -11.03
CA GLN A 68 12.30 -13.27 -10.26
C GLN A 68 13.51 -14.12 -9.86
N TYR A 69 14.23 -13.63 -8.85
CA TYR A 69 15.34 -14.37 -8.28
C TYR A 69 15.45 -14.01 -6.80
N VAL A 70 16.24 -14.78 -6.07
CA VAL A 70 16.32 -14.63 -4.61
C VAL A 70 17.16 -13.40 -4.27
N TYR A 71 16.54 -12.44 -3.56
CA TYR A 71 17.26 -11.26 -3.10
C TYR A 71 18.07 -11.55 -1.83
N GLY A 72 19.07 -10.70 -1.59
CA GLY A 72 19.72 -10.66 -0.30
C GLY A 72 18.81 -10.05 0.76
N THR A 73 19.35 -9.95 1.97
CA THR A 73 18.63 -9.40 3.12
C THR A 73 19.51 -8.32 3.73
N PRO A 74 19.45 -7.10 3.21
CA PRO A 74 20.33 -6.04 3.69
C PRO A 74 19.89 -5.51 5.04
N THR A 75 20.87 -5.08 5.83
CA THR A 75 20.59 -4.32 7.04
C THR A 75 20.09 -2.93 6.65
N PRO A 76 19.48 -2.19 7.58
CA PRO A 76 19.11 -0.80 7.24
C PRO A 76 20.29 0.02 6.75
N ALA A 77 21.44 -0.11 7.43
CA ALA A 77 22.64 0.60 6.96
C ALA A 77 22.97 0.24 5.51
N GLN A 78 22.85 -1.04 5.15
CA GLN A 78 23.17 -1.45 3.79
C GLN A 78 22.15 -0.92 2.77
N ARG A 79 20.87 -0.83 3.16
CA ARG A 79 19.89 -0.20 2.27
C ARG A 79 20.27 1.25 2.00
N ALA A 80 20.59 1.99 3.07
CA ALA A 80 20.96 3.39 2.91
C ALA A 80 22.15 3.54 1.97
N GLU A 81 23.18 2.69 2.14
CA GLU A 81 24.34 2.77 1.27
C GLU A 81 23.97 2.47 -0.18
N ALA A 82 23.09 1.48 -0.40
CA ALA A 82 22.69 1.15 -1.77
C ALA A 82 21.93 2.30 -2.41
N GLY A 83 21.09 3.00 -1.63
CA GLY A 83 20.40 4.14 -2.19
C GLY A 83 21.36 5.24 -2.58
N GLU A 84 22.38 5.46 -1.75
CA GLU A 84 23.41 6.45 -2.08
C GLU A 84 24.07 6.10 -3.40
N GLU A 85 24.44 4.82 -3.56
CA GLU A 85 25.07 4.40 -4.80
C GLU A 85 24.12 4.54 -5.99
N ALA A 86 22.87 4.10 -5.82
CA ALA A 86 21.89 4.29 -6.89
C ALA A 86 21.79 5.75 -7.27
N HIS A 87 21.72 6.64 -6.27
CA HIS A 87 21.44 8.05 -6.54
C HIS A 87 22.60 8.70 -7.28
N GLU A 88 23.85 8.40 -6.86
CA GLU A 88 24.99 9.05 -7.49
C GLU A 88 25.38 8.40 -8.80
N GLY A 89 24.75 7.29 -9.17
CA GLY A 89 25.12 6.58 -10.37
C GLY A 89 26.26 5.61 -10.21
N ALA A 90 26.52 5.12 -8.99
CA ALA A 90 27.51 4.07 -8.79
C ALA A 90 26.89 2.70 -9.04
N PRO A 91 27.73 1.67 -9.17
CA PRO A 91 27.17 0.31 -9.33
C PRO A 91 26.55 -0.16 -8.03
N THR A 92 25.29 -0.61 -8.12
CA THR A 92 24.60 -1.27 -7.02
C THR A 92 23.67 -2.32 -7.63
N ARG A 93 22.86 -2.98 -6.81
CA ARG A 93 21.92 -3.96 -7.38
C ARG A 93 20.57 -3.88 -6.69
N PRO A 94 19.47 -4.28 -7.37
CA PRO A 94 18.12 -4.18 -6.82
C PRO A 94 17.83 -4.79 -5.45
N GLY A 95 18.15 -6.06 -5.27
CA GLY A 95 17.86 -6.77 -4.02
C GLY A 95 18.15 -5.93 -2.80
N LEU A 96 19.19 -5.10 -2.86
CA LEU A 96 19.55 -4.34 -1.64
C LEU A 96 18.48 -3.28 -1.35
N LEU A 97 17.69 -2.88 -2.34
CA LEU A 97 16.70 -1.78 -2.15
C LEU A 97 15.26 -2.30 -2.17
N ALA A 98 15.05 -3.54 -2.65
CA ALA A 98 13.71 -4.10 -2.66
C ALA A 98 13.51 -5.02 -1.45
N ARG A 99 12.61 -5.99 -1.60
CA ARG A 99 12.34 -6.99 -0.57
C ARG A 99 11.57 -8.11 -1.25
N PRO A 100 11.55 -9.31 -0.66
CA PRO A 100 10.88 -10.44 -1.33
C PRO A 100 9.44 -10.13 -1.67
N GLY A 101 9.03 -10.52 -2.89
CA GLY A 101 7.69 -10.29 -3.37
C GLY A 101 7.46 -8.97 -4.08
N THR A 102 8.50 -8.14 -4.23
CA THR A 102 8.42 -6.88 -4.97
C THR A 102 9.58 -6.79 -5.95
N PHE A 103 9.54 -5.78 -6.83
CA PHE A 103 10.65 -5.47 -7.72
C PHE A 103 10.74 -3.96 -7.89
N LEU A 104 11.90 -3.49 -8.33
CA LEU A 104 12.17 -2.06 -8.46
C LEU A 104 11.73 -1.48 -9.79
N LEU A 105 11.19 -0.25 -9.73
CA LEU A 105 10.96 0.52 -10.95
C LEU A 105 12.27 0.87 -11.64
N GLY A 106 13.30 1.25 -10.88
CA GLY A 106 14.47 1.87 -11.45
C GLY A 106 14.20 3.36 -11.59
N SER A 107 14.81 4.17 -10.73
CA SER A 107 14.62 5.61 -10.73
C SER A 107 15.63 6.19 -9.74
N PRO A 108 16.69 6.81 -10.23
CA PRO A 108 17.71 7.32 -9.29
C PRO A 108 17.16 8.33 -8.32
N GLU A 109 16.07 9.03 -8.67
CA GLU A 109 15.53 9.99 -7.74
C GLU A 109 14.73 9.33 -6.63
N MET A 110 14.21 8.11 -6.83
CA MET A 110 13.53 7.40 -5.75
C MET A 110 13.89 5.94 -5.96
N PRO A 111 15.12 5.57 -5.58
CA PRO A 111 15.68 4.29 -6.05
C PRO A 111 15.03 3.07 -5.44
N ALA A 112 14.26 3.22 -4.36
CA ALA A 112 13.56 2.09 -3.77
C ALA A 112 12.09 2.03 -4.22
N ALA A 113 11.68 2.85 -5.19
CA ALA A 113 10.33 2.72 -5.73
C ALA A 113 10.09 1.29 -6.21
N ALA A 114 9.01 0.67 -5.72
CA ALA A 114 8.82 -0.77 -5.93
C ALA A 114 7.35 -1.10 -6.23
N LEU A 115 7.17 -2.30 -6.80
CA LEU A 115 5.89 -2.82 -7.28
C LEU A 115 5.83 -4.32 -7.06
N SER A 116 4.60 -4.86 -7.06
CA SER A 116 4.38 -6.31 -7.03
C SER A 116 3.48 -6.69 -8.20
N THR A 117 3.70 -7.87 -8.79
CA THR A 117 2.86 -8.34 -9.90
C THR A 117 2.42 -9.79 -9.60
N ASN A 118 1.19 -9.92 -9.11
CA ASN A 118 0.61 -11.23 -8.76
C ASN A 118 -0.86 -11.02 -8.41
N VAL A 119 -1.62 -12.11 -8.45
CA VAL A 119 -2.99 -12.05 -7.95
C VAL A 119 -2.92 -11.73 -6.47
N GLY A 120 -3.60 -10.65 -6.05
CA GLY A 120 -3.51 -10.14 -4.70
C GLY A 120 -2.63 -8.91 -4.57
N GLY A 121 -1.86 -8.58 -5.59
CA GLY A 121 -0.93 -7.45 -5.52
C GLY A 121 -0.03 -7.46 -4.31
N MET A 122 0.30 -6.26 -3.85
CA MET A 122 1.06 -6.21 -2.60
C MET A 122 0.25 -6.70 -1.41
N GLY A 123 -1.07 -6.80 -1.55
CA GLY A 123 -1.94 -7.36 -0.52
C GLY A 123 -1.71 -8.83 -0.24
N ALA A 124 -0.97 -9.57 -1.09
CA ALA A 124 -0.57 -10.93 -0.73
C ALA A 124 0.74 -10.93 0.06
N HIS A 125 1.32 -9.75 0.31
CA HIS A 125 2.63 -9.61 0.94
C HIS A 125 2.65 -8.68 2.15
N TRP A 126 1.67 -7.80 2.31
CA TRP A 126 1.76 -6.68 3.22
C TRP A 126 1.65 -7.12 4.67
N THR A 127 2.04 -6.20 5.57
CA THR A 127 2.07 -6.50 6.99
C THR A 127 0.87 -5.90 7.74
N CYS A 128 -0.18 -5.48 7.00
CA CYS A 128 -1.56 -5.42 7.49
C CYS A 128 -1.84 -4.28 8.49
N ALA A 129 -0.97 -3.29 8.61
CA ALA A 129 -1.24 -2.15 9.52
C ALA A 129 -2.29 -1.20 8.92
N CYS A 130 -3.32 -0.88 9.71
CA CYS A 130 -4.51 -0.18 9.21
C CYS A 130 -4.91 0.94 10.15
N PRO A 131 -4.03 1.91 10.40
CA PRO A 131 -4.40 3.07 11.26
C PRO A 131 -5.38 3.99 10.55
N PRO A 132 -6.33 4.59 11.28
CA PRO A 132 -7.14 5.64 10.69
C PRO A 132 -6.33 6.92 10.53
N PRO A 133 -6.67 7.74 9.51
CA PRO A 133 -5.94 9.01 9.33
C PRO A 133 -6.23 10.00 10.45
N GLY A 134 -5.22 10.79 10.79
CA GLY A 134 -5.32 11.83 11.78
C GLY A 134 -5.88 13.12 11.21
N ASN A 135 -5.77 14.19 11.99
CA ASN A 135 -6.60 15.37 11.74
C ASN A 135 -6.30 16.02 10.39
N THR A 136 -5.03 16.28 10.09
CA THR A 136 -4.69 16.88 8.79
C THR A 136 -4.52 15.85 7.69
N GLU A 137 -4.52 14.56 8.03
CA GLU A 137 -4.43 13.50 7.03
C GLU A 137 -5.79 13.26 6.38
N ARG A 138 -6.86 13.43 7.15
CA ARG A 138 -8.20 13.14 6.67
C ARG A 138 -8.54 14.01 5.45
N ILE A 139 -9.26 13.41 4.52
CA ILE A 139 -9.68 14.11 3.32
C ILE A 139 -10.92 14.93 3.68
N GLY A 140 -10.74 16.25 3.78
CA GLY A 140 -11.71 17.07 4.48
C GLY A 140 -13.03 17.25 3.74
N PHE A 141 -13.00 17.20 2.41
CA PHE A 141 -14.23 17.45 1.66
C PHE A 141 -15.13 16.21 1.55
N ILE A 142 -14.71 15.05 2.05
CA ILE A 142 -15.66 13.94 2.20
C ILE A 142 -16.45 14.15 3.48
N PRO A 143 -17.77 14.32 3.40
CA PRO A 143 -18.55 14.53 4.63
C PRO A 143 -18.24 13.49 5.69
N GLU A 144 -18.09 13.97 6.93
CA GLU A 144 -17.65 13.14 8.04
C GLU A 144 -18.45 11.86 8.18
N GLU A 145 -19.79 11.95 8.14
CA GLU A 145 -20.58 10.74 8.36
C GLU A 145 -20.43 9.76 7.20
N GLU A 146 -20.19 10.28 5.99
CA GLU A 146 -20.00 9.41 4.84
C GLU A 146 -18.63 8.77 4.86
N TRP A 147 -17.62 9.53 5.31
CA TRP A 147 -16.30 8.95 5.52
C TRP A 147 -16.37 7.82 6.55
N GLN A 148 -17.04 8.08 7.67
CA GLN A 148 -17.11 7.08 8.72
C GLN A 148 -17.81 5.82 8.25
N ALA A 149 -18.87 5.96 7.44
CA ALA A 149 -19.56 4.77 6.93
C ALA A 149 -18.64 3.95 6.04
N ALA A 150 -17.94 4.63 5.12
CA ALA A 150 -17.04 3.90 4.24
C ALA A 150 -15.88 3.29 5.02
N PHE A 151 -15.33 4.03 5.98
CA PHE A 151 -14.20 3.51 6.76
C PHE A 151 -14.61 2.32 7.62
N ASP A 152 -15.82 2.37 8.22
CA ASP A 152 -16.31 1.21 8.95
C ASP A 152 -16.42 -0.02 8.05
N GLU A 153 -16.92 0.15 6.83
CA GLU A 153 -17.03 -0.99 5.93
C GLU A 153 -15.65 -1.52 5.55
N ALA A 154 -14.68 -0.63 5.30
CA ALA A 154 -13.32 -1.07 5.00
C ALA A 154 -12.77 -1.94 6.12
N ASN A 155 -12.92 -1.48 7.34
CA ASN A 155 -12.41 -2.24 8.48
C ASN A 155 -13.13 -3.58 8.60
N ARG A 156 -14.43 -3.58 8.34
CA ARG A 156 -15.19 -4.84 8.38
CA ARG A 156 -15.20 -4.82 8.36
C ARG A 156 -14.67 -5.82 7.33
N LEU A 157 -14.50 -5.34 6.09
CA LEU A 157 -14.04 -6.23 5.02
C LEU A 157 -12.71 -6.88 5.37
N LEU A 158 -11.78 -6.14 5.97
CA LEU A 158 -10.44 -6.68 6.23
C LEU A 158 -10.28 -7.33 7.60
N GLY A 159 -11.30 -7.27 8.45
CA GLY A 159 -11.18 -7.85 9.78
C GLY A 159 -10.28 -7.09 10.71
N VAL A 160 -10.18 -5.77 10.55
CA VAL A 160 -9.23 -5.00 11.34
C VAL A 160 -9.58 -5.07 12.81
N THR A 161 -8.56 -5.22 13.65
CA THR A 161 -8.73 -5.35 15.09
C THR A 161 -7.47 -4.87 15.81
N GLN A 162 -7.67 -4.30 17.01
CA GLN A 162 -6.56 -3.97 17.88
C GLN A 162 -6.21 -5.10 18.83
N GLN A 163 -6.81 -6.29 18.66
CA GLN A 163 -6.41 -7.46 19.41
C GLN A 163 -5.84 -8.54 18.49
N ALA A 164 -5.15 -8.13 17.44
CA ALA A 164 -4.53 -9.10 16.54
C ALA A 164 -3.52 -9.97 17.26
N TYR A 165 -2.81 -9.41 18.25
CA TYR A 165 -1.86 -10.11 19.12
C TYR A 165 -2.42 -10.21 20.54
N PRO A 166 -2.05 -11.25 21.29
CA PRO A 166 -2.48 -11.33 22.69
C PRO A 166 -1.93 -10.15 23.47
N GLU A 167 -2.61 -9.83 24.56
CA GLU A 167 -2.05 -8.85 25.48
C GLU A 167 -0.98 -9.55 26.33
N THR A 168 0.23 -8.98 26.35
CA THR A 168 1.35 -9.60 27.04
C THR A 168 2.06 -8.56 27.89
N ASP A 169 3.01 -9.05 28.68
CA ASP A 169 3.85 -8.16 29.47
C ASP A 169 4.67 -7.24 28.56
N ALA A 170 5.24 -7.81 27.49
CA ALA A 170 6.00 -7.00 26.54
C ALA A 170 5.14 -5.88 25.97
N ALA A 171 3.91 -6.21 25.57
CA ALA A 171 3.04 -5.19 24.98
C ALA A 171 2.81 -4.04 25.95
N ARG A 172 2.43 -4.33 27.20
CA ARG A 172 2.16 -3.26 28.15
C ARG A 172 3.42 -2.46 28.44
N ALA A 173 4.57 -3.13 28.55
CA ALA A 173 5.81 -2.43 28.82
C ALA A 173 6.26 -1.57 27.66
N ILE A 174 5.98 -1.99 26.43
CA ILE A 174 6.39 -1.19 25.28
C ILE A 174 5.52 0.06 25.18
N ARG A 175 4.20 -0.10 25.35
CA ARG A 175 3.32 1.07 25.27
C ARG A 175 3.63 2.06 26.38
N GLN A 176 3.88 1.56 27.60
CA GLN A 176 4.22 2.44 28.71
C GLN A 176 5.51 3.20 28.45
N ALA A 177 6.55 2.50 27.98
CA ALA A 177 7.81 3.17 27.67
C ALA A 177 7.62 4.23 26.59
N LEU A 178 6.75 3.97 25.61
CA LEU A 178 6.53 4.94 24.54
C LEU A 178 5.76 6.16 25.04
N MET A 179 4.70 5.94 25.85
CA MET A 179 4.02 7.05 26.52
C MET A 179 4.97 7.91 27.34
N GLY A 180 5.85 7.28 28.13
CA GLY A 180 6.89 8.03 28.81
C GLY A 180 7.68 8.91 27.87
N ALA A 181 7.99 8.40 26.68
CA ALA A 181 8.82 9.14 25.73
C ALA A 181 8.05 10.21 24.97
N PHE A 182 6.82 9.91 24.54
CA PHE A 182 6.12 10.76 23.57
C PHE A 182 4.81 11.34 24.09
N GLY A 183 4.34 10.94 25.25
CA GLY A 183 3.00 11.31 25.66
C GLY A 183 2.73 12.79 25.59
N GLU A 184 3.75 13.62 25.86
CA GLU A 184 3.54 15.07 25.91
C GLU A 184 3.19 15.66 24.56
N ARG A 185 3.56 15.01 23.46
CA ARG A 185 3.27 15.56 22.14
C ARG A 185 2.11 14.86 21.43
N LEU A 186 1.47 13.90 22.09
CA LEU A 186 0.34 13.21 21.46
C LEU A 186 -0.98 13.88 21.80
N SER A 187 -1.97 13.61 20.95
CA SER A 187 -3.33 14.08 21.23
C SER A 187 -3.95 13.22 22.34
N PRO A 188 -4.72 13.82 23.25
CA PRO A 188 -5.42 13.00 24.25
C PRO A 188 -6.33 11.96 23.63
N GLU A 189 -6.85 12.19 22.44
CA GLU A 189 -7.76 11.25 21.79
C GLU A 189 -7.02 10.12 21.07
N ARG A 190 -5.70 10.23 20.90
CA ARG A 190 -4.91 9.26 20.14
C ARG A 190 -3.59 9.01 20.86
N PRO A 191 -3.64 8.30 21.98
CA PRO A 191 -2.41 7.97 22.71
C PRO A 191 -1.74 6.75 22.07
N VAL A 192 -0.61 6.36 22.64
CA VAL A 192 0.03 5.11 22.25
C VAL A 192 -0.93 3.95 22.52
N GLN A 193 -1.04 3.04 21.55
CA GLN A 193 -2.02 1.97 21.65
C GLN A 193 -1.65 0.91 20.63
N PRO A 194 -2.29 -0.26 20.69
CA PRO A 194 -2.02 -1.30 19.66
C PRO A 194 -2.39 -0.80 18.27
N MET A 195 -1.57 -1.14 17.30
CA MET A 195 -1.92 -0.88 15.91
C MET A 195 -3.18 -1.66 15.53
N PRO A 196 -4.18 -1.02 14.91
CA PRO A 196 -5.24 -1.80 14.24
C PRO A 196 -4.62 -2.59 13.10
N LEU A 197 -4.81 -3.92 13.11
CA LEU A 197 -4.20 -4.83 12.14
C LEU A 197 -5.25 -5.71 11.47
N ALA A 198 -5.12 -5.88 10.15
CA ALA A 198 -5.89 -6.89 9.43
C ALA A 198 -5.22 -8.25 9.60
N ALA A 199 -5.25 -8.75 10.84
CA ALA A 199 -4.65 -10.03 11.16
C ALA A 199 -5.24 -10.54 12.47
N ARG A 200 -4.94 -11.78 12.79
CA ARG A 200 -5.41 -12.37 14.04
C ARG A 200 -4.45 -13.46 14.47
N THR A 201 -4.58 -13.88 15.73
CA THR A 201 -3.79 -14.97 16.28
C THR A 201 -4.64 -16.23 16.32
N GLU A 202 -4.10 -17.33 15.76
CA GLU A 202 -4.70 -18.66 15.80
C GLU A 202 -3.62 -19.67 16.15
N GLY A 203 -3.89 -20.52 17.13
CA GLY A 203 -2.93 -21.55 17.49
C GLY A 203 -1.53 -21.01 17.74
N GLY A 204 -1.45 -19.88 18.44
CA GLY A 204 -0.19 -19.27 18.79
C GLY A 204 0.53 -18.53 17.67
N GLU A 205 -0.07 -18.41 16.49
CA GLU A 205 0.60 -17.84 15.33
C GLU A 205 -0.31 -16.83 14.62
N ARG A 206 0.29 -15.86 13.93
CA ARG A 206 -0.51 -14.85 13.23
C ARG A 206 -1.03 -15.41 11.91
N ARG A 207 -2.27 -15.03 11.58
CA ARG A 207 -2.85 -15.26 10.26
C ARG A 207 -3.13 -13.89 9.65
N TRP A 208 -2.55 -13.61 8.50
CA TRP A 208 -2.56 -12.29 7.88
C TRP A 208 -3.64 -12.21 6.80
N ALA A 209 -4.32 -11.07 6.70
CA ALA A 209 -5.40 -10.91 5.73
C ALA A 209 -4.82 -10.63 4.35
N GLY A 210 -4.86 -11.63 3.47
CA GLY A 210 -4.59 -11.44 2.06
C GLY A 210 -5.83 -10.98 1.32
N VAL A 211 -5.68 -10.87 -0.01
CA VAL A 211 -6.79 -10.42 -0.84
C VAL A 211 -7.93 -11.44 -0.91
N ASP A 212 -7.65 -12.73 -0.63
CA ASP A 212 -8.76 -13.69 -0.53
C ASP A 212 -9.74 -13.31 0.58
N VAL A 213 -9.26 -12.67 1.64
CA VAL A 213 -10.18 -12.23 2.70
C VAL A 213 -11.13 -11.14 2.17
N VAL A 214 -10.60 -10.18 1.39
CA VAL A 214 -11.45 -9.13 0.83
C VAL A 214 -12.45 -9.72 -0.16
N LEU A 215 -11.99 -10.63 -1.02
CA LEU A 215 -12.89 -11.25 -1.99
C LEU A 215 -13.99 -12.05 -1.30
N GLY A 216 -13.69 -12.60 -0.12
CA GLY A 216 -14.67 -13.39 0.60
C GLY A 216 -15.21 -14.51 -0.25
N PRO A 217 -16.53 -14.55 -0.46
CA PRO A 217 -17.11 -15.63 -1.26
C PRO A 217 -16.63 -15.66 -2.69
N LEU A 218 -16.20 -14.53 -3.25
CA LEU A 218 -15.67 -14.54 -4.61
C LEU A 218 -14.36 -15.33 -4.71
N ALA A 219 -13.67 -15.58 -3.61
CA ALA A 219 -12.44 -16.37 -3.67
C ALA A 219 -12.70 -17.87 -3.66
N GLU A 220 -13.95 -18.29 -3.48
CA GLU A 220 -14.30 -19.70 -3.33
C GLU A 220 -14.63 -20.35 -4.67
N GLU A 221 -14.28 -21.63 -4.77
CA GLU A 221 -14.68 -22.42 -5.92
C GLU A 221 -16.20 -22.58 -5.94
N GLY A 222 -16.80 -22.41 -7.11
CA GLY A 222 -18.25 -22.45 -7.22
C GLY A 222 -18.96 -21.16 -6.87
N HIS A 223 -18.25 -20.03 -6.89
CA HIS A 223 -18.91 -18.74 -6.72
C HIS A 223 -19.88 -18.50 -7.89
N GLY A 224 -20.74 -17.49 -7.74
CA GLY A 224 -21.66 -17.15 -8.82
C GLY A 224 -20.91 -16.84 -10.10
N THR A 225 -21.64 -16.98 -11.22
CA THR A 225 -21.03 -16.73 -12.53
C THR A 225 -20.99 -15.24 -12.90
N GLY A 226 -21.44 -14.36 -12.01
CA GLY A 226 -21.30 -12.94 -12.28
C GLY A 226 -19.91 -12.39 -12.03
N PHE A 227 -19.02 -13.19 -11.43
CA PHE A 227 -17.66 -12.75 -11.14
C PHE A 227 -16.67 -13.65 -11.85
N THR A 228 -15.67 -13.04 -12.49
CA THR A 228 -14.60 -13.75 -13.17
C THR A 228 -13.26 -13.12 -12.79
N LEU A 229 -12.30 -13.95 -12.39
CA LEU A 229 -10.92 -13.52 -12.16
C LEU A 229 -10.03 -14.15 -13.22
N HIS A 230 -9.29 -13.33 -13.95
CA HIS A 230 -8.33 -13.79 -14.95
C HIS A 230 -6.94 -13.29 -14.57
N SER A 231 -6.06 -14.22 -14.24
CA SER A 231 -4.68 -13.91 -13.92
C SER A 231 -3.83 -13.89 -15.21
N GLU A 232 -2.58 -13.48 -15.07
CA GLU A 232 -1.65 -13.41 -16.21
C GLU A 232 -2.28 -12.70 -17.41
N THR A 233 -3.09 -11.66 -17.10
CA THR A 233 -3.85 -10.90 -18.08
C THR A 233 -3.50 -9.42 -17.94
N LEU A 234 -2.81 -8.87 -18.96
CA LEU A 234 -2.22 -7.54 -18.90
C LEU A 234 -3.10 -6.56 -19.67
N CYS A 235 -3.46 -5.44 -19.04
CA CYS A 235 -4.15 -4.39 -19.78
C CYS A 235 -3.13 -3.46 -20.42
N HIS A 236 -3.19 -3.31 -21.75
CA HIS A 236 -2.26 -2.42 -22.47
C HIS A 236 -2.77 -1.00 -22.58
N ARG A 237 -4.08 -0.83 -22.65
CA ARG A 237 -4.65 0.51 -22.70
C ARG A 237 -6.17 0.39 -22.67
N LEU A 238 -6.82 1.50 -22.31
CA LEU A 238 -8.26 1.57 -22.39
C LEU A 238 -8.66 2.14 -23.74
N THR A 239 -9.81 1.69 -24.25
CA THR A 239 -10.38 2.26 -25.46
C THR A 239 -11.39 3.33 -25.08
N VAL A 240 -11.34 4.46 -25.80
CA VAL A 240 -12.07 5.67 -25.42
C VAL A 240 -12.89 6.16 -26.61
N ASP A 241 -14.08 6.68 -26.32
CA ASP A 241 -14.97 7.28 -27.31
C ASP A 241 -15.58 8.53 -26.69
N GLY A 242 -14.98 9.68 -26.97
CA GLY A 242 -15.47 10.92 -26.39
C GLY A 242 -15.33 10.94 -24.89
N ASP A 243 -16.43 11.13 -24.18
CA ASP A 243 -16.40 11.21 -22.72
C ASP A 243 -16.71 9.88 -22.05
N ARG A 244 -16.48 8.76 -22.75
CA ARG A 244 -16.73 7.43 -22.19
C ARG A 244 -15.54 6.55 -22.54
N VAL A 245 -15.13 5.72 -21.60
CA VAL A 245 -14.29 4.58 -21.95
C VAL A 245 -15.21 3.48 -22.43
N THR A 246 -14.79 2.75 -23.46
CA THR A 246 -15.62 1.71 -24.05
C THR A 246 -15.16 0.31 -23.67
N GLY A 247 -13.93 0.16 -23.22
CA GLY A 247 -13.38 -1.17 -22.95
C GLY A 247 -11.87 -1.08 -22.85
N ALA A 248 -11.22 -2.20 -23.13
CA ALA A 248 -9.78 -2.24 -22.91
C ALA A 248 -9.17 -3.26 -23.86
N VAL A 249 -7.90 -3.03 -24.18
CA VAL A 249 -7.08 -3.99 -24.91
C VAL A 249 -6.32 -4.83 -23.90
N LEU A 250 -6.58 -6.13 -23.89
CA LEU A 250 -5.95 -7.07 -22.97
C LEU A 250 -5.02 -8.03 -23.72
N GLU A 251 -4.05 -8.56 -22.99
CA GLU A 251 -3.13 -9.58 -23.50
C GLU A 251 -3.11 -10.74 -22.51
N HIS A 252 -3.41 -11.95 -22.98
CA HIS A 252 -3.19 -13.13 -22.16
C HIS A 252 -1.72 -13.49 -22.25
N LEU A 253 -0.97 -13.23 -21.19
CA LEU A 253 0.48 -13.21 -21.31
C LEU A 253 1.07 -14.56 -21.69
N PRO A 254 0.61 -15.70 -21.18
CA PRO A 254 1.24 -16.98 -21.56
C PRO A 254 1.21 -17.25 -23.06
N THR A 255 0.16 -16.80 -23.76
CA THR A 255 0.03 -17.05 -25.18
C THR A 255 0.29 -15.83 -26.06
N GLY A 256 0.31 -14.63 -25.49
CA GLY A 256 0.45 -13.42 -26.28
C GLY A 256 -0.81 -12.96 -26.99
N GLU A 257 -1.94 -13.67 -26.81
CA GLU A 257 -3.17 -13.30 -27.49
C GLU A 257 -3.66 -11.93 -26.99
N ARG A 258 -3.90 -11.02 -27.93
CA ARG A 258 -4.48 -9.72 -27.63
C ARG A 258 -5.94 -9.71 -28.05
N TYR A 259 -6.79 -9.12 -27.22
CA TYR A 259 -8.23 -9.07 -27.49
C TYR A 259 -8.83 -7.87 -26.77
N GLU A 260 -10.02 -7.48 -27.20
CA GLU A 260 -10.71 -6.34 -26.62
C GLU A 260 -11.88 -6.81 -25.78
N VAL A 261 -12.03 -6.22 -24.60
CA VAL A 261 -13.21 -6.41 -23.77
C VAL A 261 -13.98 -5.11 -23.79
N ARG A 262 -15.28 -5.19 -24.04
CA ARG A 262 -16.17 -4.04 -23.93
C ARG A 262 -16.77 -4.05 -22.54
N ALA A 263 -16.83 -2.86 -21.92
CA ALA A 263 -17.30 -2.74 -20.55
C ALA A 263 -18.15 -1.48 -20.41
N ARG A 264 -19.17 -1.57 -19.55
CA ARG A 264 -19.95 -0.38 -19.26
C ARG A 264 -19.24 0.55 -18.29
N VAL A 265 -18.36 0.00 -17.44
CA VAL A 265 -17.61 0.78 -16.45
C VAL A 265 -16.23 0.15 -16.35
N VAL A 266 -15.19 0.98 -16.25
CA VAL A 266 -13.82 0.50 -16.06
C VAL A 266 -13.27 1.10 -14.77
N VAL A 267 -12.70 0.24 -13.94
CA VAL A 267 -12.00 0.65 -12.71
C VAL A 267 -10.54 0.30 -12.90
N VAL A 268 -9.65 1.27 -12.71
CA VAL A 268 -8.21 1.00 -12.78
C VAL A 268 -7.66 1.07 -11.36
N ALA A 269 -7.21 -0.08 -10.85
CA ALA A 269 -6.62 -0.18 -9.51
C ALA A 269 -5.30 -0.93 -9.64
N ALA A 270 -4.38 -0.33 -10.39
CA ALA A 270 -3.14 -0.95 -10.82
C ALA A 270 -1.94 -0.57 -9.95
N ASP A 271 -2.18 0.14 -8.86
CA ASP A 271 -1.20 0.70 -7.93
C ASP A 271 -0.86 2.14 -8.33
N SER A 272 -0.08 2.83 -7.50
CA SER A 272 0.04 4.29 -7.64
C SER A 272 0.86 4.73 -8.84
N LEU A 273 1.66 3.83 -9.39
CA LEU A 273 2.47 4.13 -10.56
C LEU A 273 1.81 3.63 -11.84
N ARG A 274 1.28 2.40 -11.82
CA ARG A 274 0.74 1.81 -13.05
C ARG A 274 -0.68 2.27 -13.34
N THR A 275 -1.41 2.81 -12.35
CA THR A 275 -2.71 3.39 -12.66
C THR A 275 -2.55 4.61 -13.56
N PRO A 276 -1.78 5.63 -13.19
CA PRO A 276 -1.58 6.74 -14.12
C PRO A 276 -0.89 6.29 -15.41
N GLN A 277 -0.01 5.28 -15.35
CA GLN A 277 0.60 4.77 -16.58
C GLN A 277 -0.46 4.31 -17.59
N LEU A 278 -1.43 3.53 -17.14
CA LEU A 278 -2.45 3.01 -18.05
C LEU A 278 -3.31 4.14 -18.62
N LEU A 279 -3.71 5.09 -17.79
CA LEU A 279 -4.45 6.25 -18.31
C LEU A 279 -3.61 6.98 -19.36
N TRP A 280 -2.33 7.24 -19.04
CA TRP A 280 -1.47 7.96 -19.98
C TRP A 280 -1.35 7.20 -21.28
N ALA A 281 -1.17 5.87 -21.21
CA ALA A 281 -1.08 5.06 -22.41
C ALA A 281 -2.38 5.05 -23.20
N SER A 282 -3.49 5.44 -22.59
CA SER A 282 -4.77 5.46 -23.28
C SER A 282 -5.09 6.82 -23.88
N GLY A 283 -4.15 7.77 -23.84
CA GLY A 283 -4.47 9.14 -24.21
C GLY A 283 -5.28 9.92 -23.20
N ILE A 284 -5.46 9.41 -21.99
CA ILE A 284 -6.18 10.13 -20.93
C ILE A 284 -5.11 10.88 -20.11
N ARG A 285 -4.91 12.17 -20.42
CA ARG A 285 -3.75 12.92 -19.93
C ARG A 285 -4.17 14.28 -19.35
N PRO A 286 -5.00 14.28 -18.32
CA PRO A 286 -5.38 15.55 -17.67
C PRO A 286 -4.18 16.17 -16.99
N PRO A 287 -4.25 17.47 -16.71
CA PRO A 287 -3.07 18.18 -16.16
C PRO A 287 -2.47 17.54 -14.91
N ALA A 288 -3.30 17.04 -13.99
CA ALA A 288 -2.80 16.49 -12.73
C ALA A 288 -2.22 15.08 -12.83
N LEU A 289 -2.33 14.40 -13.98
CA LEU A 289 -2.04 12.96 -14.00
C LEU A 289 -0.57 12.71 -13.67
N GLY A 290 -0.33 11.85 -12.69
CA GLY A 290 1.03 11.52 -12.29
C GLY A 290 1.75 12.58 -11.48
N HIS A 291 1.16 13.78 -11.32
CA HIS A 291 1.73 14.85 -10.51
C HIS A 291 1.26 14.74 -9.05
N TYR A 292 1.86 15.56 -8.19
CA TYR A 292 1.57 15.57 -6.74
C TYR A 292 1.94 14.23 -6.07
N LEU A 293 2.85 13.49 -6.69
CA LEU A 293 3.34 12.23 -6.14
C LEU A 293 4.06 12.48 -4.82
N ASN A 294 3.75 11.69 -3.80
CA ASN A 294 4.54 11.82 -2.58
C ASN A 294 4.75 10.47 -1.93
N ASP A 295 6.01 10.16 -1.66
CA ASP A 295 6.44 9.00 -0.89
C ASP A 295 6.67 9.45 0.56
N GLN A 296 6.28 8.63 1.52
CA GLN A 296 6.52 8.98 2.92
C GLN A 296 7.96 8.65 3.31
N PRO A 297 8.78 9.65 3.68
CA PRO A 297 10.12 9.32 4.19
C PRO A 297 10.01 8.40 5.40
N GLN A 298 10.90 7.40 5.44
CA GLN A 298 10.80 6.31 6.40
C GLN A 298 12.14 6.14 7.11
N VAL A 299 12.11 6.22 8.44
CA VAL A 299 13.29 6.01 9.27
C VAL A 299 13.07 4.69 10.00
N LEU A 300 14.06 3.80 9.93
CA LEU A 300 13.94 2.49 10.55
C LEU A 300 15.02 2.30 11.60
N GLY A 301 14.67 1.56 12.65
CA GLY A 301 15.62 1.13 13.66
C GLY A 301 15.23 -0.25 14.16
N ALA A 302 16.10 -0.81 15.01
CA ALA A 302 15.80 -2.06 15.69
C ALA A 302 16.48 -2.04 17.05
N VAL A 303 15.78 -2.58 18.06
CA VAL A 303 16.21 -2.46 19.45
C VAL A 303 15.89 -3.76 20.17
N GLN A 304 16.82 -4.24 21.01
CA GLN A 304 16.54 -5.36 21.88
C GLN A 304 15.96 -4.85 23.19
N LEU A 305 14.81 -5.40 23.59
CA LEU A 305 14.12 -4.93 24.78
C LEU A 305 14.99 -5.02 26.02
N ASN A 306 14.90 -4.01 26.87
CA ASN A 306 15.66 -3.98 28.10
C ASN A 306 15.06 -4.97 29.10
N PRO A 307 15.80 -5.99 29.56
CA PRO A 307 15.22 -6.96 30.49
C PRO A 307 14.66 -6.32 31.76
N ALA A 308 15.18 -5.16 32.15
CA ALA A 308 14.66 -4.49 33.33
C ALA A 308 13.23 -4.01 33.14
N LEU A 309 12.77 -3.88 31.90
CA LEU A 309 11.42 -3.43 31.62
C LEU A 309 10.40 -4.56 31.67
N LEU A 310 10.86 -5.80 31.83
CA LEU A 310 10.04 -7.00 31.81
C LEU A 310 10.19 -7.79 33.10
N PRO A 311 9.12 -8.45 33.57
CA PRO A 311 9.27 -9.35 34.72
C PRO A 311 10.27 -10.46 34.42
N GLU A 312 10.94 -10.94 35.47
CA GLU A 312 11.94 -11.98 35.27
C GLU A 312 11.34 -13.23 34.65
N ASN A 313 10.05 -13.50 34.89
CA ASN A 313 9.42 -14.60 34.16
C ASN A 313 9.46 -14.34 32.65
N ALA A 314 9.16 -13.11 32.24
CA ALA A 314 9.37 -12.65 30.88
C ALA A 314 8.78 -13.58 29.83
N GLY A 315 9.64 -14.12 28.98
CA GLY A 315 9.21 -14.94 27.86
C GLY A 315 9.69 -14.38 26.54
N ARG A 316 9.30 -15.08 25.46
CA ARG A 316 9.73 -14.74 24.11
C ARG A 316 8.85 -13.70 23.43
N ALA A 317 7.61 -13.49 23.93
CA ALA A 317 6.66 -12.60 23.29
C ALA A 317 7.26 -11.21 23.07
N ALA A 318 7.07 -10.67 21.87
CA ALA A 318 7.70 -9.42 21.47
C ALA A 318 6.73 -8.25 21.43
N GLY A 319 5.49 -8.43 21.88
CA GLY A 319 4.60 -7.31 22.09
C GLY A 319 3.68 -6.93 20.94
N GLY A 320 3.69 -7.67 19.84
CA GLY A 320 2.78 -7.32 18.75
C GLY A 320 3.24 -6.05 18.03
N VAL A 321 2.29 -5.19 17.68
CA VAL A 321 2.61 -3.93 17.02
C VAL A 321 1.97 -2.79 17.79
N SER A 322 2.79 -1.84 18.25
CA SER A 322 2.30 -0.65 18.94
C SER A 322 2.34 0.56 17.99
N TRP A 323 1.43 1.50 18.22
CA TRP A 323 1.20 2.62 17.32
C TRP A 323 1.37 3.95 18.07
N VAL A 324 2.22 4.83 17.57
CA VAL A 324 2.43 6.18 18.11
C VAL A 324 1.77 7.16 17.14
N PRO A 325 0.55 7.61 17.39
CA PRO A 325 -0.27 8.17 16.30
C PRO A 325 0.11 9.57 15.86
N PHE A 326 -0.06 9.80 14.56
CA PHE A 326 0.09 11.13 13.99
C PHE A 326 -0.95 12.09 14.56
N HIS A 327 -0.53 13.34 14.73
CA HIS A 327 -1.44 14.40 15.10
C HIS A 327 -0.75 15.74 14.91
N SER A 328 -1.33 16.61 14.09
CA SER A 328 -0.73 17.88 13.75
C SER A 328 -1.20 18.95 14.73
N PRO A 329 -0.31 19.84 15.21
CA PRO A 329 1.11 19.96 14.86
C PRO A 329 2.08 19.33 15.87
N SER A 330 1.55 18.86 17.00
CA SER A 330 2.43 18.43 18.09
C SER A 330 3.21 17.16 17.75
N HIS A 331 2.63 16.26 16.95
CA HIS A 331 3.29 14.99 16.61
C HIS A 331 3.04 14.60 15.17
N PRO A 332 3.71 15.27 14.22
CA PRO A 332 3.43 15.06 12.79
C PRO A 332 4.19 13.88 12.21
N TYR A 333 4.22 12.78 12.95
CA TYR A 333 4.86 11.53 12.57
C TYR A 333 3.93 10.39 12.84
N HIS A 334 4.06 9.35 12.04
CA HIS A 334 3.46 8.06 12.36
C HIS A 334 4.58 7.14 12.85
N GLY A 335 4.46 6.65 14.08
CA GLY A 335 5.44 5.72 14.65
C GLY A 335 4.82 4.35 14.85
N GLN A 336 5.61 3.31 14.58
CA GLN A 336 5.18 1.97 14.93
C GLN A 336 6.37 1.16 15.45
N VAL A 337 6.09 0.32 16.44
CA VAL A 337 7.05 -0.59 17.02
C VAL A 337 6.49 -1.98 16.86
N MET A 338 7.28 -2.90 16.31
CA MET A 338 6.72 -4.13 15.75
C MET A 338 7.60 -5.34 15.98
N GLU A 339 6.97 -6.46 16.32
CA GLU A 339 7.62 -7.76 16.17
C GLU A 339 8.15 -7.88 14.75
N LEU A 340 9.31 -8.51 14.62
CA LEU A 340 9.97 -8.56 13.32
C LEU A 340 9.09 -9.16 12.24
N GLU A 341 8.25 -10.15 12.58
CA GLU A 341 7.35 -10.73 11.60
C GLU A 341 6.39 -9.70 11.03
N ALA A 342 6.16 -8.59 11.73
CA ALA A 342 5.22 -7.56 11.33
C ALA A 342 5.90 -6.36 10.72
N SER A 343 7.20 -6.44 10.47
CA SER A 343 7.89 -5.32 9.84
C SER A 343 7.69 -5.38 8.33
N PRO A 344 7.33 -4.26 7.68
CA PRO A 344 7.27 -4.25 6.21
C PRO A 344 8.63 -4.42 5.57
N ILE A 345 9.71 -4.16 6.29
CA ILE A 345 11.09 -4.28 5.82
C ILE A 345 11.72 -5.46 6.54
N PRO A 346 12.26 -6.47 5.85
CA PRO A 346 12.97 -7.54 6.58
C PRO A 346 14.14 -6.95 7.36
N ILE A 347 14.21 -7.26 8.65
CA ILE A 347 15.30 -6.82 9.51
C ILE A 347 16.08 -8.05 9.95
N PRO A 348 17.31 -8.24 9.40
CA PRO A 348 18.10 -9.43 9.71
C PRO A 348 18.65 -9.37 11.14
N VAL A 349 18.42 -10.43 11.90
CA VAL A 349 18.88 -10.48 13.32
C VAL A 349 20.13 -11.35 13.37
N THR A 350 18.31 -15.62 21.39
CA THR A 350 18.44 -16.22 22.76
C THR A 350 18.05 -15.31 23.93
N GLY A 351 18.17 -13.99 23.85
CA GLY A 351 17.85 -13.17 25.04
C GLY A 351 16.50 -12.49 24.99
N THR A 352 16.45 -11.21 25.36
CA THR A 352 15.17 -10.44 25.29
C THR A 352 14.72 -10.33 23.83
N PRO A 353 13.41 -10.16 23.58
CA PRO A 353 12.95 -9.95 22.21
C PRO A 353 13.54 -8.71 21.50
N VAL A 354 13.73 -8.79 20.18
CA VAL A 354 14.15 -7.65 19.37
C VAL A 354 12.92 -7.11 18.64
N VAL A 355 12.78 -5.79 18.60
CA VAL A 355 11.62 -5.18 17.95
C VAL A 355 12.13 -4.14 16.94
N GLY A 356 11.39 -3.98 15.85
CA GLY A 356 11.72 -2.96 14.88
C GLY A 356 10.96 -1.70 15.17
N LEU A 357 11.52 -0.58 14.74
CA LEU A 357 10.90 0.74 14.87
C LEU A 357 10.79 1.34 13.48
N GLY A 358 9.59 1.77 13.10
CA GLY A 358 9.41 2.40 11.80
C GLY A 358 8.70 3.73 11.98
N TRP A 359 9.34 4.82 11.57
CA TRP A 359 8.78 6.16 11.65
C TRP A 359 8.59 6.68 10.25
N PHE A 360 7.39 7.19 9.96
CA PHE A 360 7.04 7.67 8.63
C PHE A 360 6.67 9.14 8.74
N CYS A 361 7.10 9.92 7.74
CA CYS A 361 6.86 11.36 7.74
C CYS A 361 5.84 11.72 6.66
N ALA A 362 5.13 12.83 6.88
CA ALA A 362 4.23 13.39 5.88
C ALA A 362 5.03 14.36 5.02
N LYS A 363 5.05 14.13 3.72
CA LYS A 363 5.89 14.91 2.82
C LYS A 363 5.14 16.13 2.29
N GLU A 364 5.90 17.20 2.03
CA GLU A 364 5.32 18.42 1.45
C GLU A 364 4.89 18.14 0.00
N VAL A 365 3.60 18.21 -0.26
CA VAL A 365 3.04 17.79 -1.55
C VAL A 365 3.29 18.87 -2.59
N ARG A 366 3.86 18.49 -3.73
CA ARG A 366 4.24 19.42 -4.80
C ARG A 366 3.85 18.86 -6.15
N TYR A 367 3.24 19.71 -6.99
CA TYR A 367 2.98 19.33 -8.38
C TYR A 367 4.25 18.78 -9.03
N GLU A 368 5.38 19.41 -8.75
CA GLU A 368 6.64 19.11 -9.43
C GLU A 368 7.12 17.69 -9.15
N ASP A 369 6.68 17.06 -8.07
CA ASP A 369 6.99 15.64 -7.83
C ASP A 369 6.02 14.80 -8.67
N HIS A 370 6.55 13.99 -9.58
CA HIS A 370 5.65 13.44 -10.60
C HIS A 370 6.31 12.26 -11.31
N ILE A 371 5.47 11.49 -12.00
CA ILE A 371 5.92 10.44 -12.91
C ILE A 371 6.00 11.01 -14.32
N ALA A 372 7.15 10.85 -14.96
CA ALA A 372 7.34 11.19 -16.36
C ALA A 372 7.11 9.95 -17.19
N PHE A 373 6.33 10.06 -18.28
CA PHE A 373 6.04 8.92 -19.14
C PHE A 373 6.74 9.08 -20.48
N SER A 374 7.53 8.07 -20.86
CA SER A 374 8.32 8.13 -22.09
C SER A 374 7.46 7.91 -23.32
N GLU A 375 7.70 8.73 -24.35
CA GLU A 375 6.97 8.56 -25.60
C GLU A 375 7.60 7.50 -26.49
N SER A 376 8.84 7.08 -26.21
CA SER A 376 9.56 6.14 -27.03
C SER A 376 9.89 4.83 -26.31
N GLU A 377 10.50 4.90 -25.13
CA GLU A 377 10.90 3.70 -24.40
CA GLU A 377 10.89 3.68 -24.43
C GLU A 377 9.72 3.07 -23.69
N THR A 378 9.76 1.76 -23.54
CA THR A 378 8.73 1.01 -22.83
C THR A 378 9.36 0.23 -21.69
N ASP A 379 8.51 -0.22 -20.76
CA ASP A 379 8.96 -1.12 -19.71
C ASP A 379 8.99 -2.54 -20.28
N TYR A 380 9.21 -3.52 -19.41
CA TYR A 380 9.46 -4.86 -19.90
C TYR A 380 8.22 -5.56 -20.42
N LEU A 381 7.03 -5.02 -20.15
CA LEU A 381 5.77 -5.59 -20.64
C LEU A 381 5.22 -4.81 -21.82
N GLY A 382 5.90 -3.74 -22.26
CA GLY A 382 5.51 -2.98 -23.43
C GLY A 382 4.77 -1.69 -23.16
N LEU A 383 4.60 -1.31 -21.90
CA LEU A 383 3.90 -0.07 -21.58
C LEU A 383 4.91 1.07 -21.39
N PRO A 384 4.45 2.32 -21.47
CA PRO A 384 5.39 3.46 -21.50
C PRO A 384 6.28 3.50 -20.26
N ARG A 385 7.59 3.65 -20.49
CA ARG A 385 8.54 3.62 -19.40
C ARG A 385 8.39 4.84 -18.50
N MET A 386 8.58 4.62 -17.21
CA MET A 386 8.18 5.58 -16.17
C MET A 386 9.46 6.01 -15.48
N THR A 387 9.62 7.33 -15.29
CA THR A 387 10.73 7.87 -14.51
C THR A 387 10.16 8.78 -13.44
N VAL A 388 10.59 8.58 -12.20
CA VAL A 388 10.04 9.32 -11.06
C VAL A 388 10.91 10.54 -10.81
N HIS A 389 10.25 11.69 -10.63
CA HIS A 389 10.90 12.93 -10.17
C HIS A 389 10.32 13.26 -8.81
N HIS A 390 11.19 13.30 -7.80
CA HIS A 390 10.74 13.45 -6.41
C HIS A 390 11.91 14.01 -5.60
N THR A 391 11.69 15.16 -4.98
CA THR A 391 12.73 15.81 -4.17
C THR A 391 12.16 16.20 -2.82
N LEU A 392 13.02 16.22 -1.81
CA LEU A 392 12.63 16.65 -0.48
C LEU A 392 12.93 18.13 -0.33
N THR A 393 11.95 18.87 0.19
CA THR A 393 12.10 20.29 0.47
C THR A 393 12.83 20.48 1.79
N PRO A 394 13.29 21.70 2.08
CA PRO A 394 13.89 21.93 3.40
C PRO A 394 12.94 21.55 4.54
N ALA A 395 11.64 21.74 4.33
CA ALA A 395 10.66 21.35 5.36
C ALA A 395 10.67 19.84 5.56
N ASP A 396 10.71 19.09 4.46
CA ASP A 396 10.85 17.64 4.54
C ASP A 396 12.10 17.24 5.31
N GLU A 397 13.24 17.88 4.98
CA GLU A 397 14.48 17.51 5.66
C GLU A 397 14.38 17.79 7.15
N ALA A 398 13.66 18.84 7.54
CA ALA A 398 13.52 19.14 8.96
C ALA A 398 12.68 18.08 9.66
N VAL A 399 11.56 17.66 9.06
CA VAL A 399 10.77 16.63 9.74
C VAL A 399 11.52 15.31 9.76
N ILE A 400 12.31 15.01 8.73
CA ILE A 400 13.11 13.78 8.74
C ILE A 400 14.07 13.79 9.92
N GLU A 401 14.70 14.93 10.19
CA GLU A 401 15.61 15.02 11.33
C GLU A 401 14.87 14.84 12.64
N GLN A 402 13.67 15.41 12.77
CA GLN A 402 12.93 15.22 14.00
CA GLN A 402 12.89 15.23 13.99
C GLN A 402 12.42 13.78 14.13
N ALA A 403 12.12 13.10 13.00
CA ALA A 403 11.74 11.70 13.11
C ALA A 403 12.92 10.85 13.56
N LYS A 404 14.12 11.11 13.02
CA LYS A 404 15.31 10.44 13.52
C LYS A 404 15.43 10.62 15.03
N ALA A 405 15.20 11.84 15.51
CA ALA A 405 15.31 12.08 16.95
C ALA A 405 14.28 11.29 17.73
N GLU A 406 13.04 11.22 17.22
CA GLU A 406 12.03 10.40 17.88
C GLU A 406 12.44 8.93 17.90
N VAL A 407 12.96 8.41 16.78
CA VAL A 407 13.37 7.01 16.79
C VAL A 407 14.46 6.80 17.84
N GLU A 408 15.46 7.69 17.87
CA GLU A 408 16.51 7.61 18.87
C GLU A 408 15.94 7.67 20.28
N LEU A 409 14.93 8.51 20.50
CA LEU A 409 14.31 8.55 21.82
C LEU A 409 13.62 7.23 22.14
N ALA A 410 12.98 6.60 21.15
CA ALA A 410 12.30 5.32 21.41
C ALA A 410 13.31 4.20 21.64
N ILE A 411 14.46 4.24 20.97
CA ILE A 411 15.52 3.28 21.23
C ILE A 411 15.96 3.36 22.69
N ARG A 412 16.21 4.59 23.18
CA ARG A 412 16.66 4.73 24.56
C ARG A 412 15.55 4.40 25.57
N ALA A 413 14.28 4.54 25.18
CA ALA A 413 13.21 4.17 26.09
C ALA A 413 12.97 2.67 26.18
N LEU A 414 13.38 1.91 25.16
CA LEU A 414 13.08 0.48 25.10
C LEU A 414 14.27 -0.42 25.40
N GLY A 415 15.50 0.03 25.12
CA GLY A 415 16.66 -0.80 25.39
C GLY A 415 17.90 -0.41 24.62
N ARG A 416 18.60 -1.40 24.02
CA ARG A 416 19.84 -1.17 23.28
C ARG A 416 19.60 -1.28 21.78
N PRO A 417 20.26 -0.47 20.94
CA PRO A 417 20.11 -0.68 19.51
C PRO A 417 20.94 -1.91 19.17
N LEU A 418 20.54 -2.64 18.13
CA LEU A 418 21.28 -3.86 17.69
C LEU A 418 22.46 -3.42 16.83
N PRO A 419 19.14 4.85 14.26
CA PRO A 419 18.18 4.95 13.14
C PRO A 419 18.87 5.11 11.78
N PHE A 420 18.20 4.73 10.70
CA PHE A 420 18.65 5.04 9.35
C PHE A 420 17.46 5.55 8.53
N LEU A 421 17.67 6.65 7.82
CA LEU A 421 16.72 7.06 6.80
C LEU A 421 16.84 6.07 5.64
N LEU A 422 15.76 5.38 5.32
CA LEU A 422 15.84 4.47 4.19
C LEU A 422 15.74 5.24 2.88
N PRO A 423 16.22 4.66 1.79
CA PRO A 423 16.17 5.39 0.51
C PRO A 423 14.74 5.72 0.11
N SER A 424 14.59 6.84 -0.59
CA SER A 424 13.30 7.29 -1.10
C SER A 424 12.59 6.18 -1.85
N GLY A 425 11.30 5.97 -1.54
CA GLY A 425 10.51 4.90 -2.10
C GLY A 425 10.34 3.71 -1.16
N SER A 426 11.14 3.62 -0.10
CA SER A 426 11.13 2.44 0.77
C SER A 426 9.79 2.25 1.49
N SER A 427 9.03 3.32 1.70
CA SER A 427 7.77 3.18 2.42
C SER A 427 6.76 2.34 1.67
N LEU A 428 6.87 2.23 0.35
CA LEU A 428 5.85 1.63 -0.50
C LEU A 428 4.51 2.38 -0.42
N HIS A 429 4.51 3.61 0.08
CA HIS A 429 3.28 4.38 0.25
C HIS A 429 3.38 5.60 -0.66
N TYR A 430 2.88 5.47 -1.88
CA TYR A 430 2.99 6.52 -2.90
C TYR A 430 1.61 7.13 -3.09
N GLN A 431 1.42 8.36 -2.63
CA GLN A 431 0.11 9.00 -2.72
C GLN A 431 0.10 10.05 -3.84
N GLY A 432 -1.11 10.46 -4.25
CA GLY A 432 -1.29 11.69 -4.99
C GLY A 432 -1.37 11.60 -6.51
N THR A 433 -0.95 10.46 -7.13
CA THR A 433 -0.75 10.45 -8.58
C THR A 433 -2.04 10.44 -9.41
N VAL A 434 -3.17 10.04 -8.83
CA VAL A 434 -4.48 10.12 -9.49
C VAL A 434 -5.48 10.69 -8.48
N ARG A 435 -5.15 11.83 -7.91
CA ARG A 435 -5.73 12.24 -6.64
C ARG A 435 -7.14 12.78 -6.82
N MET A 436 -7.97 12.62 -5.78
CA MET A 436 -9.31 13.19 -5.83
C MET A 436 -9.29 14.65 -5.37
N GLY A 437 -10.29 15.40 -5.86
CA GLY A 437 -10.43 16.80 -5.50
C GLY A 437 -11.90 17.16 -5.46
N GLU A 438 -12.17 18.38 -4.98
CA GLU A 438 -13.54 18.87 -4.83
C GLU A 438 -14.17 19.28 -6.17
N GLN A 439 -13.38 19.85 -7.08
CA GLN A 439 -13.94 20.28 -8.35
C GLN A 439 -12.92 20.09 -9.45
N ASP A 440 -13.39 20.22 -10.68
CA ASP A 440 -12.60 19.97 -11.87
C ASP A 440 -11.88 21.25 -12.27
N ASP A 441 -10.84 21.56 -11.49
CA ASP A 441 -10.05 22.78 -11.64
C ASP A 441 -8.63 22.50 -12.14
N GLY A 442 -8.33 21.24 -12.51
CA GLY A 442 -7.04 20.89 -13.06
C GLY A 442 -6.04 20.41 -12.04
N GLN A 443 -6.35 20.53 -10.74
CA GLN A 443 -5.43 20.14 -9.69
C GLN A 443 -5.72 18.75 -9.13
N SER A 444 -6.71 18.06 -9.67
CA SER A 444 -6.99 16.67 -9.27
C SER A 444 -7.38 15.86 -10.50
N VAL A 445 -7.24 14.55 -10.38
CA VAL A 445 -7.58 13.66 -11.48
C VAL A 445 -9.03 13.18 -11.40
N CYS A 446 -9.59 13.04 -10.20
CA CYS A 446 -10.93 12.47 -10.03
C CYS A 446 -11.70 13.23 -8.96
N ASP A 447 -13.02 12.97 -8.90
CA ASP A 447 -13.88 13.57 -7.88
C ASP A 447 -13.92 12.69 -6.63
N SER A 448 -14.76 13.05 -5.66
CA SER A 448 -14.77 12.37 -4.37
C SER A 448 -15.35 10.96 -4.46
N HIS A 449 -15.93 10.56 -5.58
CA HIS A 449 -16.29 9.18 -5.79
C HIS A 449 -15.30 8.46 -6.70
N SER A 450 -14.10 9.04 -6.87
CA SER A 450 -12.99 8.46 -7.61
C SER A 450 -13.28 8.34 -9.10
N ARG A 451 -14.23 9.13 -9.62
CA ARG A 451 -14.52 9.14 -11.05
C ARG A 451 -13.62 10.17 -11.74
N VAL A 452 -12.93 9.75 -12.81
CA VAL A 452 -12.01 10.65 -13.50
C VAL A 452 -12.79 11.79 -14.13
N TRP A 453 -12.39 13.02 -13.85
CA TRP A 453 -13.11 14.17 -14.41
C TRP A 453 -13.13 14.07 -15.93
N GLY A 454 -14.28 14.35 -16.52
CA GLY A 454 -14.36 14.34 -17.97
C GLY A 454 -14.76 13.02 -18.58
N TYR A 455 -14.91 11.96 -17.78
CA TYR A 455 -15.40 10.68 -18.25
C TYR A 455 -16.56 10.22 -17.38
N ARG A 456 -17.58 9.67 -18.02
CA ARG A 456 -18.78 9.28 -17.28
C ARG A 456 -18.57 8.00 -16.47
N ASN A 457 -17.66 7.12 -16.90
CA ASN A 457 -17.68 5.73 -16.46
C ASN A 457 -16.28 5.16 -16.17
N LEU A 458 -15.33 6.02 -15.81
CA LEU A 458 -13.94 5.63 -15.52
C LEU A 458 -13.63 5.98 -14.07
N PHE A 459 -13.21 4.99 -13.30
CA PHE A 459 -12.90 5.17 -11.88
C PHE A 459 -11.47 4.70 -11.62
N VAL A 460 -10.84 5.28 -10.60
CA VAL A 460 -9.49 4.89 -10.20
C VAL A 460 -9.48 4.51 -8.73
N GLY A 461 -8.44 3.79 -8.32
CA GLY A 461 -8.35 3.32 -6.95
C GLY A 461 -6.92 3.22 -6.49
N GLY A 462 -6.74 3.22 -5.17
CA GLY A 462 -5.44 2.98 -4.57
C GLY A 462 -4.90 4.24 -3.91
N ASN A 463 -3.68 4.09 -3.37
CA ASN A 463 -3.09 5.18 -2.60
C ASN A 463 -2.93 6.45 -3.43
N GLY A 464 -2.81 6.30 -4.74
CA GLY A 464 -2.67 7.46 -5.60
C GLY A 464 -3.88 8.38 -5.58
N VAL A 465 -5.01 7.88 -5.09
CA VAL A 465 -6.20 8.73 -4.98
C VAL A 465 -6.11 9.69 -3.81
N ILE A 466 -5.30 9.38 -2.80
CA ILE A 466 -5.24 10.21 -1.59
C ILE A 466 -4.57 11.54 -1.95
N PRO A 467 -5.21 12.70 -1.65
CA PRO A 467 -4.65 14.00 -2.07
C PRO A 467 -3.93 14.77 -0.98
N THR A 468 -4.09 14.34 0.26
CA THR A 468 -3.53 15.05 1.41
C THR A 468 -2.08 14.62 1.66
N SER A 469 -1.44 15.33 2.60
CA SER A 469 -0.11 14.97 3.05
C SER A 469 -0.25 14.06 4.26
N THR A 470 0.14 12.78 4.12
CA THR A 470 -0.10 11.80 5.16
C THR A 470 1.20 11.10 5.57
N ALA A 471 1.20 10.62 6.82
CA ALA A 471 2.29 9.81 7.34
C ALA A 471 1.88 8.37 7.63
N CYS A 472 0.59 8.10 7.87
CA CYS A 472 0.13 6.78 8.29
C CYS A 472 0.01 5.81 7.11
N ASN A 473 -0.03 4.52 7.44
CA ASN A 473 -0.11 3.49 6.41
C ASN A 473 -1.40 3.68 5.61
N PRO A 474 -1.34 3.78 4.27
CA PRO A 474 -2.51 4.27 3.51
C PRO A 474 -3.56 3.26 3.13
N THR A 475 -3.29 1.95 3.20
CA THR A 475 -4.16 1.00 2.51
C THR A 475 -5.61 1.08 2.99
N ILE A 476 -5.83 1.19 4.30
CA ILE A 476 -7.21 1.17 4.78
C ILE A 476 -7.96 2.44 4.37
N THR A 477 -7.27 3.57 4.29
CA THR A 477 -7.87 4.76 3.69
C THR A 477 -8.26 4.49 2.25
N SER A 478 -7.34 3.93 1.47
CA SER A 478 -7.65 3.64 0.07
C SER A 478 -8.80 2.65 -0.08
N VAL A 479 -8.87 1.65 0.80
CA VAL A 479 -10.00 0.72 0.74
C VAL A 479 -11.30 1.48 0.96
N ALA A 480 -11.33 2.35 1.97
CA ALA A 480 -12.54 3.14 2.23
C ALA A 480 -12.92 4.00 1.04
N LEU A 481 -11.95 4.63 0.38
CA LEU A 481 -12.27 5.41 -0.81
C LEU A 481 -12.88 4.53 -1.90
N ALA A 482 -12.40 3.28 -2.01
CA ALA A 482 -12.98 2.33 -2.97
C ALA A 482 -14.43 2.01 -2.60
N VAL A 483 -14.68 1.75 -1.33
CA VAL A 483 -16.05 1.50 -0.88
C VAL A 483 -16.95 2.66 -1.30
N ARG A 484 -16.50 3.89 -1.02
CA ARG A 484 -17.28 5.07 -1.39
C ARG A 484 -17.49 5.12 -2.90
N ALA A 485 -16.43 4.83 -3.68
CA ALA A 485 -16.55 4.92 -5.13
C ALA A 485 -17.61 3.98 -5.69
N CYS A 486 -17.83 2.83 -5.04
CA CYS A 486 -18.84 1.90 -5.54
C CYS A 486 -20.25 2.47 -5.45
N ASP A 487 -20.48 3.44 -4.56
CA ASP A 487 -21.75 4.16 -4.57
C ASP A 487 -22.00 4.81 -5.93
N GLY A 488 -20.96 5.44 -6.49
CA GLY A 488 -21.12 6.08 -7.79
C GLY A 488 -21.27 5.07 -8.92
N ILE A 489 -20.47 4.00 -8.88
CA ILE A 489 -20.62 2.97 -9.89
C ILE A 489 -22.03 2.39 -9.83
N ALA A 490 -22.48 2.03 -8.63
CA ALA A 490 -23.80 1.42 -8.50
C ALA A 490 -24.89 2.33 -9.04
N ALA A 491 -24.81 3.61 -8.71
CA ALA A 491 -25.79 4.57 -9.20
C ALA A 491 -25.75 4.67 -10.72
N LEU A 492 -24.53 4.75 -11.27
CA LEU A 492 -24.36 4.88 -12.72
C LEU A 492 -24.98 3.69 -13.44
N LEU A 493 -24.82 2.49 -12.91
CA LEU A 493 -25.31 1.29 -13.58
C LEU A 493 -26.82 1.14 -13.47
N ALA A 494 -27.41 1.59 -12.37
CA ALA A 494 -28.85 1.54 -12.23
C ALA A 494 -29.55 2.64 -13.02
N GLY A 495 -28.91 3.79 -13.18
CA GLY A 495 -29.55 4.97 -13.77
C GLY A 495 -29.72 4.88 -15.27
#